data_1ONS
#
_entry.id   1ONS
#
_cell.length_a   52.98
_cell.length_b   52.98
_cell.length_c   347.40
_cell.angle_alpha   90
_cell.angle_beta   90
_cell.angle_gamma   120
#
_symmetry.space_group_name_H-M   'P 61 2 2'
#
loop_
_entity.id
_entity.type
_entity.pdbx_description
1 polymer 'Chaperone protein hchA'
2 non-polymer 'ZINC ION'
3 water water
#
_entity_poly.entity_id   1
_entity_poly.type   'polypeptide(L)'
_entity_poly.pdbx_seq_one_letter_code
;TVQTSKNPQVDIAEDNAFFPSEYSLSQYTSPVSDLDGVDYPKPYRGKHKILVIAADERYLPTDNGKLFSTGNHPIETLLP
LYHLHAAGFEFEVATISGLMTKFEYWAMPHKDEKVMPFFEQHKSLFRNPKKLADVVASLNADSEYAAIFVPGGHGALIGL
PESQDVAAALQWAIKNDRFVISLCHGPAAFLALRHGDNPLNGYSICAFPDAADKQTPEIGYMPGHLTWYFGEELKKMGMN
IINDDITGRVHKDRKLLTGDSPFAANALGKLAAQEMLAAYAG
;
_entity_poly.pdbx_strand_id   A
#
loop_
_chem_comp.id
_chem_comp.type
_chem_comp.name
_chem_comp.formula
ZN non-polymer 'ZINC ION' 'Zn 2'
#
# COMPACT_ATOMS: atom_id res chain seq x y z
N THR A 4 17.77 0.80 23.40
CA THR A 4 16.74 1.36 22.49
C THR A 4 15.35 1.30 23.13
N SER A 5 14.81 2.48 23.42
CA SER A 5 13.51 2.62 24.06
C SER A 5 12.30 2.10 23.26
N LYS A 6 11.30 1.61 23.99
CA LYS A 6 10.06 1.10 23.41
C LYS A 6 8.95 2.14 23.54
N ASN A 7 9.31 3.35 23.93
CA ASN A 7 8.35 4.44 24.09
C ASN A 7 8.10 5.16 22.78
N PRO A 8 6.81 5.44 22.48
CA PRO A 8 6.53 6.16 21.22
C PRO A 8 7.23 7.52 21.26
N GLN A 9 7.56 8.03 20.08
CA GLN A 9 8.25 9.31 20.00
C GLN A 9 7.30 10.43 19.60
N VAL A 10 7.59 11.63 20.06
CA VAL A 10 6.74 12.78 19.77
C VAL A 10 6.85 13.36 18.37
N ASP A 11 5.69 13.65 17.78
CA ASP A 11 5.61 14.28 16.46
C ASP A 11 5.03 15.65 16.82
N ILE A 12 5.91 16.63 17.02
CA ILE A 12 5.47 17.97 17.41
C ILE A 12 4.59 18.71 16.42
N ALA A 13 4.50 18.20 15.20
CA ALA A 13 3.68 18.86 14.20
C ALA A 13 2.20 18.74 14.57
N GLU A 14 1.84 17.69 15.29
CA GLU A 14 0.45 17.47 15.63
C GLU A 14 0.18 17.33 17.14
N ASP A 15 -1.08 17.49 17.52
CA ASP A 15 -1.52 17.40 18.90
C ASP A 15 -1.59 15.95 19.37
N ASN A 16 -0.76 15.62 20.35
CA ASN A 16 -0.73 14.27 20.92
C ASN A 16 -0.54 13.16 19.88
N ALA A 17 0.45 13.35 19.00
CA ALA A 17 0.75 12.39 17.94
C ALA A 17 2.15 11.81 18.14
N PHE A 18 2.33 10.55 17.79
CA PHE A 18 3.63 9.91 17.96
C PHE A 18 4.11 9.03 16.81
N PHE A 19 5.43 8.97 16.64
CA PHE A 19 6.05 8.13 15.64
C PHE A 19 6.33 6.84 16.41
N PRO A 20 6.67 5.75 15.70
CA PRO A 20 6.95 4.52 16.43
C PRO A 20 8.22 4.65 17.26
N SER A 21 8.34 3.84 18.31
CA SER A 21 9.50 3.86 19.21
C SER A 21 10.83 3.54 18.51
N GLU A 22 11.93 3.87 19.18
CA GLU A 22 13.26 3.62 18.64
C GLU A 22 13.43 2.13 18.39
N TYR A 23 13.04 1.33 19.37
CA TYR A 23 13.13 -0.11 19.25
C TYR A 23 12.40 -0.56 17.98
N SER A 24 11.15 -0.12 17.84
CA SER A 24 10.36 -0.46 16.66
C SER A 24 11.13 -0.12 15.40
N LEU A 25 11.67 1.08 15.35
CA LEU A 25 12.41 1.53 14.17
C LEU A 25 13.69 0.75 13.91
N SER A 26 14.42 0.41 14.97
CA SER A 26 15.67 -0.33 14.79
C SER A 26 15.39 -1.75 14.27
N GLN A 27 14.24 -2.29 14.63
CA GLN A 27 13.90 -3.64 14.21
C GLN A 27 13.06 -3.75 12.93
N TYR A 28 12.41 -2.66 12.52
CA TYR A 28 11.56 -2.74 11.33
C TYR A 28 11.89 -1.80 10.19
N THR A 29 12.95 -1.01 10.33
CA THR A 29 13.33 -0.09 9.25
C THR A 29 14.82 -0.23 9.04
N SER A 30 15.33 0.41 7.99
CA SER A 30 16.74 0.36 7.65
C SER A 30 17.09 1.42 6.61
N PRO A 31 18.27 2.06 6.75
CA PRO A 31 18.73 3.10 5.82
C PRO A 31 18.89 2.60 4.39
N VAL A 32 18.89 1.30 4.22
CA VAL A 32 19.01 0.69 2.90
C VAL A 32 17.99 -0.45 2.81
N SER A 33 17.34 -0.59 1.66
CA SER A 33 16.34 -1.63 1.48
C SER A 33 16.94 -2.94 0.97
N ASP A 34 16.09 -3.95 0.85
CA ASP A 34 16.52 -5.24 0.34
C ASP A 34 16.08 -5.37 -1.12
N LEU A 35 16.02 -4.23 -1.80
CA LEU A 35 15.65 -4.17 -3.21
C LEU A 35 16.69 -4.96 -4.00
N ASP A 36 16.23 -5.86 -4.87
CA ASP A 36 17.14 -6.65 -5.69
C ASP A 36 16.38 -7.45 -6.74
N GLY A 37 17.13 -8.21 -7.55
CA GLY A 37 16.50 -9.01 -8.60
C GLY A 37 15.80 -8.14 -9.62
N VAL A 38 16.34 -6.95 -9.86
CA VAL A 38 15.75 -6.01 -10.81
C VAL A 38 16.32 -6.26 -12.22
N ASP A 39 16.04 -7.44 -12.77
CA ASP A 39 16.53 -7.79 -14.10
C ASP A 39 15.40 -8.03 -15.09
N TYR A 40 15.20 -7.07 -15.99
CA TYR A 40 14.15 -7.17 -16.99
C TYR A 40 14.72 -6.69 -18.32
N PRO A 41 15.40 -7.59 -19.04
CA PRO A 41 16.02 -7.31 -20.34
C PRO A 41 15.04 -7.02 -21.47
N LYS A 42 13.81 -7.49 -21.32
CA LYS A 42 12.78 -7.26 -22.34
C LYS A 42 11.61 -6.57 -21.67
N PRO A 43 11.69 -5.24 -21.51
CA PRO A 43 10.64 -4.44 -20.87
C PRO A 43 9.37 -4.21 -21.69
N TYR A 44 8.26 -4.06 -20.98
CA TYR A 44 6.96 -3.78 -21.59
C TYR A 44 7.13 -2.51 -22.43
N ARG A 45 6.54 -2.49 -23.61
CA ARG A 45 6.66 -1.34 -24.48
C ARG A 45 5.33 -0.71 -24.90
N GLY A 46 4.31 -0.86 -24.04
CA GLY A 46 3.00 -0.30 -24.33
C GLY A 46 2.72 1.01 -23.59
N LYS A 47 1.45 1.39 -23.51
CA LYS A 47 1.05 2.63 -22.86
C LYS A 47 0.41 2.49 -21.47
N HIS A 48 -0.06 1.30 -21.13
CA HIS A 48 -0.70 1.11 -19.83
C HIS A 48 0.22 1.45 -18.66
N LYS A 49 -0.34 2.17 -17.69
CA LYS A 49 0.38 2.60 -16.51
C LYS A 49 -0.22 1.98 -15.24
N ILE A 50 0.52 2.08 -14.14
CA ILE A 50 0.03 1.57 -12.87
C ILE A 50 -0.64 2.73 -12.17
N LEU A 51 -1.87 2.53 -11.72
CA LEU A 51 -2.57 3.60 -11.01
C LEU A 51 -2.38 3.33 -9.53
N VAL A 52 -1.71 4.24 -8.84
CA VAL A 52 -1.48 4.10 -7.41
C VAL A 52 -2.50 4.92 -6.64
N ILE A 53 -3.16 4.30 -5.66
CA ILE A 53 -4.12 5.02 -4.82
C ILE A 53 -3.45 5.17 -3.46
N ALA A 54 -2.95 6.37 -3.18
CA ALA A 54 -2.23 6.63 -1.94
C ALA A 54 -3.02 7.29 -0.82
N ALA A 55 -2.36 7.42 0.33
CA ALA A 55 -2.94 8.03 1.51
C ALA A 55 -2.71 9.55 1.51
N ASP A 56 -3.77 10.31 1.76
CA ASP A 56 -3.68 11.75 1.81
C ASP A 56 -3.69 12.25 3.27
N GLU A 57 -3.79 11.31 4.21
CA GLU A 57 -3.81 11.64 5.63
C GLU A 57 -2.72 10.86 6.35
N ARG A 58 -2.00 11.56 7.22
CA ARG A 58 -0.90 10.94 7.97
C ARG A 58 -1.28 10.44 9.37
N TYR A 59 -2.21 11.10 10.01
CA TYR A 59 -2.58 10.76 11.38
C TYR A 59 -3.76 9.83 11.61
N LEU A 60 -3.49 8.75 12.33
CA LEU A 60 -4.50 7.76 12.67
C LEU A 60 -4.83 7.76 14.16
N PRO A 61 -6.09 8.03 14.50
CA PRO A 61 -6.46 8.03 15.92
C PRO A 61 -6.50 6.63 16.50
N THR A 62 -5.92 6.46 17.69
CA THR A 62 -5.91 5.17 18.37
C THR A 62 -6.98 5.15 19.46
N ASP A 63 -7.15 3.97 20.08
CA ASP A 63 -8.17 3.78 21.11
C ASP A 63 -8.07 4.66 22.35
N ASN A 64 -6.89 5.22 22.61
CA ASN A 64 -6.72 6.08 23.78
C ASN A 64 -6.73 7.56 23.43
N GLY A 65 -7.22 7.91 22.25
CA GLY A 65 -7.27 9.30 21.86
C GLY A 65 -6.00 9.83 21.22
N LYS A 66 -4.90 9.10 21.41
CA LYS A 66 -3.62 9.51 20.82
C LYS A 66 -3.60 9.24 19.32
N LEU A 67 -2.77 9.98 18.60
CA LEU A 67 -2.67 9.80 17.15
C LEU A 67 -1.38 9.11 16.78
N PHE A 68 -1.48 8.15 15.85
CA PHE A 68 -0.30 7.44 15.34
C PHE A 68 0.14 8.23 14.12
N SER A 69 1.38 8.68 14.09
CA SER A 69 1.89 9.42 12.94
C SER A 69 2.33 8.39 11.91
N THR A 70 1.43 8.10 10.98
CA THR A 70 1.69 7.09 9.97
C THR A 70 1.57 7.65 8.56
N GLY A 71 0.95 6.88 7.66
CA GLY A 71 0.81 7.26 6.27
C GLY A 71 1.15 6.03 5.43
N ASN A 72 1.58 6.22 4.18
CA ASN A 72 1.94 5.10 3.31
C ASN A 72 3.36 4.65 3.66
N HIS A 73 3.60 3.35 3.68
CA HIS A 73 4.94 2.83 3.98
C HIS A 73 5.82 3.01 2.74
N PRO A 74 6.92 3.76 2.86
CA PRO A 74 7.83 4.01 1.74
C PRO A 74 8.44 2.78 1.10
N ILE A 75 8.84 1.80 1.92
CA ILE A 75 9.42 0.58 1.38
C ILE A 75 8.31 -0.13 0.60
N GLU A 76 7.16 -0.26 1.22
CA GLU A 76 6.02 -0.91 0.60
C GLU A 76 5.59 -0.24 -0.70
N THR A 77 5.65 1.08 -0.74
CA THR A 77 5.24 1.81 -1.94
C THR A 77 6.28 1.80 -3.04
N LEU A 78 7.51 2.14 -2.69
CA LEU A 78 8.60 2.26 -3.63
C LEU A 78 9.21 1.02 -4.24
N LEU A 79 9.42 -0.03 -3.46
CA LEU A 79 10.04 -1.21 -4.04
C LEU A 79 9.24 -1.80 -5.20
N PRO A 80 7.95 -2.09 -4.99
CA PRO A 80 7.16 -2.66 -6.09
C PRO A 80 7.05 -1.75 -7.30
N LEU A 81 7.06 -0.43 -7.10
CA LEU A 81 6.99 0.47 -8.24
C LEU A 81 8.34 0.51 -8.94
N TYR A 82 9.41 0.30 -8.19
CA TYR A 82 10.74 0.31 -8.76
C TYR A 82 10.87 -0.85 -9.74
N HIS A 83 10.39 -2.01 -9.32
CA HIS A 83 10.42 -3.21 -10.16
C HIS A 83 9.54 -2.98 -11.39
N LEU A 84 8.31 -2.50 -11.16
CA LEU A 84 7.38 -2.26 -12.26
C LEU A 84 7.87 -1.22 -13.25
N HIS A 85 8.46 -0.13 -12.75
CA HIS A 85 8.99 0.93 -13.59
C HIS A 85 10.13 0.34 -14.40
N ALA A 86 10.99 -0.42 -13.72
CA ALA A 86 12.10 -1.08 -14.39
C ALA A 86 11.59 -2.03 -15.46
N ALA A 87 10.51 -2.75 -15.16
CA ALA A 87 9.92 -3.69 -16.09
C ALA A 87 9.25 -2.97 -17.26
N GLY A 88 9.30 -1.64 -17.24
CA GLY A 88 8.71 -0.86 -18.32
C GLY A 88 7.38 -0.19 -18.01
N PHE A 89 6.87 -0.35 -16.79
CA PHE A 89 5.59 0.27 -16.42
C PHE A 89 5.72 1.55 -15.62
N GLU A 90 5.36 2.68 -16.22
CA GLU A 90 5.42 3.94 -15.50
C GLU A 90 4.18 3.97 -14.61
N PHE A 91 4.11 4.92 -13.69
CA PHE A 91 2.95 4.98 -12.81
C PHE A 91 2.39 6.39 -12.59
N GLU A 92 1.14 6.43 -12.13
CA GLU A 92 0.47 7.68 -11.81
C GLU A 92 -0.06 7.55 -10.39
N VAL A 93 -0.17 8.67 -9.68
CA VAL A 93 -0.67 8.63 -8.30
C VAL A 93 -1.95 9.42 -8.10
N ALA A 94 -2.86 8.85 -7.31
CA ALA A 94 -4.12 9.51 -7.00
C ALA A 94 -4.45 9.32 -5.54
N THR A 95 -5.15 10.32 -4.99
CA THR A 95 -5.59 10.28 -3.61
C THR A 95 -7.04 10.73 -3.70
N ILE A 96 -7.85 10.31 -2.74
CA ILE A 96 -9.25 10.67 -2.73
C ILE A 96 -9.46 12.17 -2.81
N SER A 97 -8.83 12.91 -1.91
CA SER A 97 -8.96 14.36 -1.85
C SER A 97 -8.13 15.12 -2.89
N GLY A 98 -7.07 14.49 -3.38
CA GLY A 98 -6.21 15.16 -4.33
C GLY A 98 -5.06 15.81 -3.55
N LEU A 99 -5.07 15.71 -2.22
CA LEU A 99 -3.99 16.29 -1.42
C LEU A 99 -2.75 15.39 -1.57
N MET A 100 -1.57 15.96 -1.33
CA MET A 100 -0.32 15.21 -1.47
C MET A 100 -0.24 13.92 -0.68
N THR A 101 0.52 12.97 -1.22
CA THR A 101 0.72 11.68 -0.57
C THR A 101 1.44 11.87 0.77
N LYS A 102 1.02 11.16 1.80
CA LYS A 102 1.64 11.25 3.12
C LYS A 102 2.40 9.95 3.39
N PHE A 103 3.72 10.04 3.49
CA PHE A 103 4.57 8.87 3.74
C PHE A 103 5.04 8.76 5.19
N GLU A 104 5.39 7.53 5.57
CA GLU A 104 5.95 7.27 6.88
C GLU A 104 7.45 7.43 6.65
N TYR A 105 7.93 8.67 6.70
CA TYR A 105 9.34 8.92 6.45
C TYR A 105 10.29 8.26 7.44
N TRP A 106 9.79 7.85 8.60
CA TRP A 106 10.67 7.19 9.55
C TRP A 106 11.08 5.79 9.03
N ALA A 107 10.52 5.39 7.90
CA ALA A 107 10.87 4.10 7.31
C ALA A 107 11.56 4.29 5.97
N MET A 108 11.80 5.54 5.61
CA MET A 108 12.46 5.86 4.36
C MET A 108 13.94 5.42 4.41
N PRO A 109 14.37 4.59 3.44
CA PRO A 109 15.75 4.11 3.39
C PRO A 109 16.61 5.23 2.80
N HIS A 110 16.82 6.27 3.60
CA HIS A 110 17.55 7.45 3.17
C HIS A 110 18.94 7.25 2.58
N LYS A 111 19.54 6.09 2.78
CA LYS A 111 20.86 5.83 2.21
C LYS A 111 20.85 4.88 1.02
N ASP A 112 19.66 4.45 0.61
CA ASP A 112 19.55 3.52 -0.51
C ASP A 112 19.92 4.26 -1.81
N GLU A 113 21.05 3.89 -2.40
CA GLU A 113 21.53 4.54 -3.61
C GLU A 113 20.68 4.31 -4.85
N LYS A 114 19.63 3.50 -4.73
CA LYS A 114 18.75 3.24 -5.86
C LYS A 114 17.35 3.79 -5.59
N VAL A 115 16.77 3.40 -4.45
CA VAL A 115 15.43 3.83 -4.08
C VAL A 115 15.29 5.35 -3.96
N MET A 116 16.22 6.01 -3.26
CA MET A 116 16.14 7.45 -3.09
C MET A 116 16.11 8.22 -4.41
N PRO A 117 17.08 7.96 -5.30
CA PRO A 117 17.03 8.71 -6.57
C PRO A 117 15.74 8.39 -7.34
N PHE A 118 15.28 7.15 -7.23
CA PHE A 118 14.04 6.75 -7.91
C PHE A 118 12.89 7.55 -7.31
N PHE A 119 12.94 7.77 -6.00
CA PHE A 119 11.92 8.54 -5.32
C PHE A 119 11.97 10.00 -5.78
N GLU A 120 13.17 10.56 -5.76
CA GLU A 120 13.38 11.94 -6.14
C GLU A 120 12.88 12.26 -7.54
N GLN A 121 13.10 11.33 -8.48
CA GLN A 121 12.69 11.54 -9.86
C GLN A 121 11.19 11.39 -10.10
N HIS A 122 10.43 11.04 -9.08
CA HIS A 122 8.98 10.90 -9.25
C HIS A 122 8.23 11.63 -8.16
N LYS A 123 8.98 12.35 -7.32
CA LYS A 123 8.42 13.09 -6.20
C LYS A 123 7.15 13.91 -6.52
N SER A 124 7.14 14.58 -7.66
CA SER A 124 5.99 15.40 -8.03
C SER A 124 4.71 14.59 -8.21
N LEU A 125 4.85 13.32 -8.63
CA LEU A 125 3.69 12.48 -8.80
C LEU A 125 3.04 12.22 -7.45
N PHE A 126 3.87 12.09 -6.41
CA PHE A 126 3.35 11.85 -5.08
C PHE A 126 2.84 13.15 -4.46
N ARG A 127 3.61 14.22 -4.61
CA ARG A 127 3.26 15.51 -4.04
C ARG A 127 2.03 16.18 -4.67
N ASN A 128 1.89 16.07 -5.98
CA ASN A 128 0.74 16.69 -6.65
C ASN A 128 -0.04 15.61 -7.38
N PRO A 129 -0.71 14.75 -6.62
CA PRO A 129 -1.51 13.65 -7.17
C PRO A 129 -2.81 14.09 -7.83
N LYS A 130 -3.41 13.18 -8.57
CA LYS A 130 -4.68 13.41 -9.23
C LYS A 130 -5.75 13.09 -8.19
N LYS A 131 -6.95 13.61 -8.36
CA LYS A 131 -8.04 13.33 -7.45
C LYS A 131 -8.66 12.04 -7.99
N LEU A 132 -8.79 11.01 -7.14
CA LEU A 132 -9.35 9.74 -7.61
C LEU A 132 -10.66 9.87 -8.40
N ALA A 133 -11.61 10.65 -7.89
CA ALA A 133 -12.89 10.84 -8.58
C ALA A 133 -12.72 11.27 -10.04
N ASP A 134 -11.73 12.12 -10.30
CA ASP A 134 -11.47 12.61 -11.64
C ASP A 134 -11.01 11.46 -12.53
N VAL A 135 -10.18 10.58 -11.98
CA VAL A 135 -9.70 9.43 -12.73
C VAL A 135 -10.89 8.51 -13.05
N VAL A 136 -11.68 8.21 -12.02
CA VAL A 136 -12.84 7.33 -12.18
C VAL A 136 -13.86 7.80 -13.23
N ALA A 137 -14.07 9.11 -13.30
CA ALA A 137 -15.02 9.67 -14.25
C ALA A 137 -14.63 9.40 -15.71
N SER A 138 -13.34 9.22 -15.96
CA SER A 138 -12.85 8.99 -17.31
C SER A 138 -12.68 7.50 -17.66
N LEU A 139 -12.92 6.64 -16.69
CA LEU A 139 -12.75 5.20 -16.88
C LEU A 139 -13.71 4.51 -17.85
N ASN A 140 -13.14 3.70 -18.73
CA ASN A 140 -13.89 2.91 -19.70
C ASN A 140 -13.06 1.67 -19.98
N ALA A 141 -13.65 0.68 -20.65
CA ALA A 141 -12.95 -0.57 -20.95
C ALA A 141 -11.58 -0.39 -21.58
N ASP A 142 -11.34 0.73 -22.23
CA ASP A 142 -10.07 0.99 -22.89
C ASP A 142 -9.06 1.79 -22.07
N SER A 143 -9.49 2.26 -20.90
CA SER A 143 -8.61 3.05 -20.04
C SER A 143 -7.23 2.40 -19.96
N GLU A 144 -6.20 3.22 -20.08
CA GLU A 144 -4.82 2.75 -20.08
C GLU A 144 -4.13 2.41 -18.75
N TYR A 145 -4.86 1.79 -17.83
CA TYR A 145 -4.24 1.40 -16.56
C TYR A 145 -4.18 -0.12 -16.51
N ALA A 146 -2.96 -0.65 -16.48
CA ALA A 146 -2.75 -2.09 -16.44
C ALA A 146 -2.99 -2.66 -15.04
N ALA A 147 -2.97 -1.80 -14.03
CA ALA A 147 -3.17 -2.25 -12.66
C ALA A 147 -3.42 -1.12 -11.67
N ILE A 148 -4.08 -1.47 -10.57
CA ILE A 148 -4.31 -0.52 -9.49
C ILE A 148 -3.45 -1.02 -8.33
N PHE A 149 -2.64 -0.12 -7.77
CA PHE A 149 -1.75 -0.46 -6.67
C PHE A 149 -2.17 0.32 -5.43
N VAL A 150 -2.46 -0.40 -4.34
CA VAL A 150 -2.81 0.24 -3.09
C VAL A 150 -1.73 -0.14 -2.09
N PRO A 151 -0.73 0.72 -1.92
CA PRO A 151 0.34 0.40 -0.97
C PRO A 151 -0.13 0.38 0.47
N GLY A 152 0.65 -0.26 1.33
CA GLY A 152 0.30 -0.36 2.73
C GLY A 152 0.73 0.85 3.53
N GLY A 153 0.76 0.67 4.84
CA GLY A 153 1.08 1.74 5.76
C GLY A 153 -0.25 1.91 6.47
N HIS A 154 -0.26 2.28 7.75
CA HIS A 154 -1.54 2.43 8.43
C HIS A 154 -2.40 3.57 7.88
N GLY A 155 -1.81 4.41 7.04
CA GLY A 155 -2.56 5.51 6.45
C GLY A 155 -3.59 4.99 5.47
N ALA A 156 -3.41 3.75 5.02
CA ALA A 156 -4.35 3.13 4.08
C ALA A 156 -5.68 2.86 4.77
N LEU A 157 -5.69 2.95 6.09
CA LEU A 157 -6.90 2.71 6.86
C LEU A 157 -7.78 3.95 6.91
N ILE A 158 -7.24 5.08 6.50
CA ILE A 158 -7.98 6.33 6.54
C ILE A 158 -8.62 6.72 5.20
N GLY A 159 -9.94 6.80 5.19
CA GLY A 159 -10.65 7.19 3.97
C GLY A 159 -10.87 6.09 2.94
N LEU A 160 -9.80 5.45 2.49
CA LEU A 160 -9.91 4.42 1.48
C LEU A 160 -10.97 3.34 1.73
N PRO A 161 -11.03 2.80 2.96
CA PRO A 161 -12.03 1.76 3.26
C PRO A 161 -13.50 2.19 3.21
N GLU A 162 -13.75 3.47 2.96
CA GLU A 162 -15.13 3.96 2.89
C GLU A 162 -15.36 4.92 1.74
N SER A 163 -14.51 4.84 0.73
CA SER A 163 -14.61 5.72 -0.42
C SER A 163 -15.32 5.08 -1.60
N GLN A 164 -16.36 5.75 -2.08
CA GLN A 164 -17.11 5.26 -3.22
C GLN A 164 -16.21 5.29 -4.45
N ASP A 165 -15.28 6.23 -4.47
CA ASP A 165 -14.34 6.36 -5.58
C ASP A 165 -13.42 5.15 -5.66
N VAL A 166 -12.94 4.69 -4.50
CA VAL A 166 -12.08 3.52 -4.48
C VAL A 166 -12.90 2.31 -4.93
N ALA A 167 -14.16 2.23 -4.49
CA ALA A 167 -15.02 1.11 -4.88
C ALA A 167 -15.17 1.07 -6.39
N ALA A 168 -15.53 2.21 -6.97
CA ALA A 168 -15.71 2.28 -8.42
C ALA A 168 -14.43 1.88 -9.13
N ALA A 169 -13.29 2.34 -8.60
CA ALA A 169 -11.99 2.02 -9.17
C ALA A 169 -11.72 0.52 -9.17
N LEU A 170 -11.86 -0.10 -8.01
CA LEU A 170 -11.63 -1.53 -7.88
C LEU A 170 -12.61 -2.30 -8.78
N GLN A 171 -13.85 -1.83 -8.83
CA GLN A 171 -14.86 -2.49 -9.66
C GLN A 171 -14.43 -2.47 -11.11
N TRP A 172 -13.91 -1.33 -11.57
CA TRP A 172 -13.44 -1.19 -12.94
C TRP A 172 -12.31 -2.15 -13.25
N ALA A 173 -11.30 -2.16 -12.37
CA ALA A 173 -10.14 -3.01 -12.55
C ALA A 173 -10.50 -4.49 -12.68
N ILE A 174 -11.32 -4.99 -11.76
CA ILE A 174 -11.73 -6.39 -11.79
C ILE A 174 -12.58 -6.71 -13.01
N LYS A 175 -13.64 -5.93 -13.21
CA LYS A 175 -14.52 -6.14 -14.34
C LYS A 175 -13.75 -6.09 -15.66
N ASN A 176 -12.74 -5.25 -15.73
CA ASN A 176 -11.96 -5.13 -16.96
C ASN A 176 -10.70 -5.96 -17.04
N ASP A 177 -10.64 -7.00 -16.22
CA ASP A 177 -9.50 -7.92 -16.21
C ASP A 177 -8.13 -7.27 -16.02
N ARG A 178 -8.05 -6.32 -15.10
CA ARG A 178 -6.79 -5.65 -14.80
C ARG A 178 -6.23 -6.21 -13.51
N PHE A 179 -4.95 -5.94 -13.26
CA PHE A 179 -4.30 -6.41 -12.04
C PHE A 179 -4.64 -5.48 -10.87
N VAL A 180 -4.64 -6.05 -9.67
CA VAL A 180 -4.87 -5.31 -8.44
C VAL A 180 -3.76 -5.79 -7.51
N ILE A 181 -2.95 -4.84 -7.05
CA ILE A 181 -1.80 -5.15 -6.20
C ILE A 181 -1.88 -4.42 -4.85
N SER A 182 -1.53 -5.12 -3.78
CA SER A 182 -1.57 -4.51 -2.46
C SER A 182 -0.86 -5.33 -1.40
N LEU A 183 -0.49 -4.67 -0.29
CA LEU A 183 0.18 -5.36 0.81
C LEU A 183 -0.03 -4.66 2.15
N CYS A 184 0.33 -5.36 3.23
CA CYS A 184 0.22 -4.84 4.60
C CYS A 184 -1.23 -4.44 4.87
N HIS A 185 -1.47 -3.14 5.09
CA HIS A 185 -2.82 -2.67 5.37
C HIS A 185 -3.52 -2.16 4.12
N GLY A 186 -2.82 -2.14 2.99
CA GLY A 186 -3.42 -1.66 1.75
C GLY A 186 -4.75 -2.34 1.42
N PRO A 187 -4.87 -3.65 1.66
CA PRO A 187 -6.15 -4.31 1.34
C PRO A 187 -7.37 -3.84 2.15
N ALA A 188 -7.15 -2.95 3.12
CA ALA A 188 -8.28 -2.44 3.89
C ALA A 188 -9.17 -1.62 2.95
N ALA A 189 -8.57 -1.10 1.88
CA ALA A 189 -9.29 -0.31 0.90
C ALA A 189 -10.34 -1.15 0.20
N PHE A 190 -10.14 -2.46 0.18
CA PHE A 190 -11.07 -3.37 -0.46
C PHE A 190 -12.43 -3.29 0.25
N LEU A 191 -12.42 -2.83 1.49
CA LEU A 191 -13.66 -2.71 2.27
C LEU A 191 -14.57 -1.64 1.66
N ALA A 192 -14.08 -0.95 0.65
CA ALA A 192 -14.87 0.08 0.00
C ALA A 192 -16.03 -0.59 -0.74
N LEU A 193 -15.83 -1.86 -1.08
CA LEU A 193 -16.82 -2.64 -1.81
C LEU A 193 -18.03 -3.12 -1.02
N ARG A 194 -17.99 -2.99 0.31
CA ARG A 194 -19.13 -3.41 1.12
C ARG A 194 -20.31 -2.57 0.64
N HIS A 195 -21.52 -3.03 0.91
CA HIS A 195 -22.72 -2.30 0.51
C HIS A 195 -22.68 -1.96 -0.99
N GLY A 196 -22.69 -2.98 -1.82
CA GLY A 196 -22.66 -2.78 -3.26
C GLY A 196 -22.14 -4.00 -3.98
N ASP A 197 -21.86 -3.88 -5.27
CA ASP A 197 -21.33 -5.01 -6.03
C ASP A 197 -19.91 -5.28 -5.55
N ASN A 198 -19.67 -6.49 -5.07
CA ASN A 198 -18.34 -6.84 -4.57
C ASN A 198 -17.68 -7.92 -5.41
N PRO A 199 -16.96 -7.52 -6.46
CA PRO A 199 -16.26 -8.44 -7.35
C PRO A 199 -15.08 -9.14 -6.71
N LEU A 200 -14.77 -8.80 -5.45
CA LEU A 200 -13.65 -9.43 -4.77
C LEU A 200 -14.15 -10.53 -3.85
N ASN A 201 -15.46 -10.74 -3.85
CA ASN A 201 -16.03 -11.79 -3.02
C ASN A 201 -15.40 -13.11 -3.45
N GLY A 202 -14.97 -13.91 -2.49
CA GLY A 202 -14.37 -15.19 -2.81
C GLY A 202 -12.89 -15.17 -3.11
N TYR A 203 -12.26 -13.99 -3.05
CA TYR A 203 -10.83 -13.89 -3.32
C TYR A 203 -9.98 -14.17 -2.09
N SER A 204 -8.74 -14.60 -2.31
CA SER A 204 -7.81 -14.91 -1.22
C SER A 204 -6.58 -14.00 -1.32
N ILE A 205 -6.04 -13.64 -0.16
CA ILE A 205 -4.90 -12.75 -0.08
C ILE A 205 -4.16 -12.93 1.22
N CYS A 206 -2.99 -12.33 1.28
CA CYS A 206 -2.21 -12.34 2.50
C CYS A 206 -2.18 -10.84 2.81
N ALA A 207 -1.96 -10.49 4.07
CA ALA A 207 -1.92 -9.09 4.46
C ALA A 207 -1.43 -9.00 5.90
N PHE A 208 -1.32 -7.78 6.42
CA PHE A 208 -0.86 -7.62 7.79
C PHE A 208 -1.98 -8.18 8.67
N PRO A 209 -1.65 -9.18 9.50
CA PRO A 209 -2.67 -9.77 10.38
C PRO A 209 -3.10 -8.90 11.55
N ASP A 210 -4.40 -8.92 11.82
CA ASP A 210 -4.99 -8.16 12.91
C ASP A 210 -4.23 -8.55 14.19
N ALA A 211 -3.84 -9.82 14.28
CA ALA A 211 -3.14 -10.31 15.46
C ALA A 211 -1.88 -9.50 15.74
N ALA A 212 -1.18 -9.10 14.70
CA ALA A 212 0.03 -8.31 14.88
C ALA A 212 -0.29 -6.91 15.37
N ASP A 213 -1.36 -6.31 14.83
CA ASP A 213 -1.77 -4.97 15.23
C ASP A 213 -2.12 -4.90 16.70
N LYS A 214 -2.48 -6.05 17.26
CA LYS A 214 -2.82 -6.13 18.68
C LYS A 214 -1.57 -6.28 19.55
N GLN A 215 -0.41 -6.48 18.93
CA GLN A 215 0.83 -6.65 19.66
C GLN A 215 1.83 -5.49 19.53
N THR A 216 1.97 -4.94 18.32
CA THR A 216 2.92 -3.86 18.08
C THR A 216 2.91 -2.72 19.09
N PRO A 217 1.75 -2.33 19.60
CA PRO A 217 1.77 -1.24 20.57
C PRO A 217 2.54 -1.60 21.84
N GLU A 218 2.69 -2.90 22.09
CA GLU A 218 3.42 -3.35 23.27
C GLU A 218 4.87 -2.94 23.13
N ILE A 219 5.35 -2.82 21.89
CA ILE A 219 6.73 -2.41 21.65
C ILE A 219 6.78 -0.95 21.19
N GLY A 220 5.66 -0.24 21.35
CA GLY A 220 5.61 1.16 20.99
C GLY A 220 5.60 1.54 19.51
N TYR A 221 5.20 0.63 18.63
CA TYR A 221 5.16 0.93 17.21
C TYR A 221 4.07 1.99 16.99
N MET A 222 3.04 1.93 17.83
CA MET A 222 1.91 2.86 17.80
C MET A 222 1.66 3.30 19.25
N PRO A 223 1.16 4.54 19.44
CA PRO A 223 0.88 5.07 20.78
C PRO A 223 -0.36 4.50 21.47
N GLY A 224 -1.08 3.63 20.77
CA GLY A 224 -2.28 3.03 21.33
C GLY A 224 -2.79 1.91 20.45
N HIS A 225 -3.96 1.37 20.76
CA HIS A 225 -4.55 0.29 19.97
C HIS A 225 -5.46 0.78 18.85
N LEU A 226 -5.63 -0.03 17.81
CA LEU A 226 -6.49 0.32 16.70
C LEU A 226 -7.94 0.33 17.21
N THR A 227 -8.81 1.11 16.58
CA THR A 227 -10.20 1.20 17.00
C THR A 227 -11.05 0.18 16.25
N TRP A 228 -10.44 -0.52 15.30
CA TRP A 228 -11.12 -1.54 14.53
C TRP A 228 -10.08 -2.34 13.75
N TYR A 229 -10.42 -3.54 13.32
CA TYR A 229 -9.49 -4.40 12.60
C TYR A 229 -10.00 -4.77 11.21
N PHE A 230 -9.22 -4.42 10.20
CA PHE A 230 -9.62 -4.65 8.81
C PHE A 230 -9.65 -6.11 8.40
N GLY A 231 -8.91 -6.94 9.12
CA GLY A 231 -8.88 -8.36 8.79
C GLY A 231 -10.25 -9.00 8.88
N GLU A 232 -10.85 -8.94 10.06
CA GLU A 232 -12.18 -9.53 10.26
C GLU A 232 -13.25 -8.90 9.39
N GLU A 233 -13.14 -7.60 9.13
CA GLU A 233 -14.13 -6.96 8.28
C GLU A 233 -14.04 -7.56 6.88
N LEU A 234 -12.81 -7.67 6.38
CA LEU A 234 -12.62 -8.24 5.05
C LEU A 234 -13.19 -9.66 4.99
N LYS A 235 -13.07 -10.39 6.09
CA LYS A 235 -13.60 -11.75 6.16
C LYS A 235 -15.13 -11.70 6.12
N LYS A 236 -15.71 -10.67 6.71
CA LYS A 236 -17.16 -10.52 6.70
C LYS A 236 -17.60 -10.13 5.30
N MET A 237 -16.68 -9.51 4.56
CA MET A 237 -16.98 -9.08 3.20
C MET A 237 -16.79 -10.23 2.21
N GLY A 238 -16.51 -11.42 2.72
CA GLY A 238 -16.34 -12.56 1.85
C GLY A 238 -14.95 -12.79 1.28
N MET A 239 -13.92 -12.31 1.97
CA MET A 239 -12.56 -12.50 1.50
C MET A 239 -11.78 -13.42 2.43
N ASN A 240 -10.78 -14.12 1.89
CA ASN A 240 -9.99 -15.03 2.69
C ASN A 240 -8.56 -14.54 2.90
N ILE A 241 -8.17 -14.46 4.16
CA ILE A 241 -6.82 -14.03 4.52
C ILE A 241 -6.10 -15.29 4.97
N ILE A 242 -5.08 -15.67 4.21
CA ILE A 242 -4.33 -16.89 4.46
C ILE A 242 -3.28 -16.93 5.56
N ASN A 243 -2.88 -15.78 6.07
CA ASN A 243 -1.85 -15.73 7.12
C ASN A 243 -2.30 -15.01 8.39
N ASP A 244 -1.72 -15.41 9.51
CA ASP A 244 -2.03 -14.78 10.78
C ASP A 244 -0.72 -14.35 11.42
N ASP A 245 0.34 -14.34 10.63
CA ASP A 245 1.67 -13.94 11.08
C ASP A 245 2.41 -13.16 9.97
N ILE A 246 3.63 -12.70 10.27
CA ILE A 246 4.43 -11.95 9.31
C ILE A 246 5.71 -12.69 8.92
N THR A 247 5.80 -13.03 7.64
CA THR A 247 6.95 -13.76 7.12
C THR A 247 7.57 -13.14 5.88
N GLY A 248 6.96 -12.06 5.37
CA GLY A 248 7.47 -11.43 4.17
C GLY A 248 7.00 -12.18 2.93
N ARG A 249 5.92 -12.94 3.08
CA ARG A 249 5.38 -13.72 1.98
C ARG A 249 4.46 -12.93 1.04
N VAL A 250 4.26 -13.48 -0.15
CA VAL A 250 3.40 -12.87 -1.14
C VAL A 250 2.46 -13.96 -1.64
N HIS A 251 1.32 -13.56 -2.20
CA HIS A 251 0.34 -14.51 -2.68
C HIS A 251 -0.35 -14.06 -3.96
N LYS A 252 -0.83 -15.02 -4.73
CA LYS A 252 -1.52 -14.75 -6.00
C LYS A 252 -2.85 -15.48 -6.12
N ASP A 253 -3.87 -14.73 -6.52
CA ASP A 253 -5.20 -15.28 -6.74
C ASP A 253 -5.64 -14.60 -8.03
N ARG A 254 -5.33 -15.24 -9.16
CA ARG A 254 -5.65 -14.69 -10.47
C ARG A 254 -4.84 -13.40 -10.66
N LYS A 255 -5.48 -12.26 -10.78
CA LYS A 255 -4.71 -11.03 -10.94
C LYS A 255 -4.63 -10.17 -9.68
N LEU A 256 -4.98 -10.79 -8.55
CA LEU A 256 -4.92 -10.12 -7.25
C LEU A 256 -3.58 -10.54 -6.63
N LEU A 257 -2.65 -9.61 -6.56
CA LEU A 257 -1.31 -9.88 -6.03
C LEU A 257 -1.10 -9.13 -4.72
N THR A 258 -0.73 -9.85 -3.67
CA THR A 258 -0.55 -9.21 -2.38
C THR A 258 0.68 -9.60 -1.59
N GLY A 259 0.93 -8.85 -0.52
CA GLY A 259 2.06 -9.08 0.35
C GLY A 259 1.63 -8.90 1.79
N ASP A 260 2.35 -9.49 2.74
CA ASP A 260 1.97 -9.38 4.14
C ASP A 260 2.63 -8.24 4.93
N SER A 261 3.69 -7.64 4.40
CA SER A 261 4.38 -6.57 5.14
C SER A 261 5.47 -5.90 4.30
N PRO A 262 6.26 -5.00 4.92
CA PRO A 262 7.31 -4.36 4.12
C PRO A 262 8.37 -5.40 3.74
N PHE A 263 8.49 -6.44 4.55
CA PHE A 263 9.46 -7.49 4.25
C PHE A 263 9.08 -8.20 2.96
N ALA A 264 7.83 -8.02 2.54
CA ALA A 264 7.31 -8.65 1.32
C ALA A 264 7.34 -7.74 0.09
N ALA A 265 7.73 -6.49 0.27
CA ALA A 265 7.74 -5.54 -0.84
C ALA A 265 8.61 -5.90 -2.04
N ASN A 266 9.85 -6.32 -1.78
CA ASN A 266 10.73 -6.68 -2.89
C ASN A 266 10.16 -7.86 -3.66
N ALA A 267 9.65 -8.84 -2.92
CA ALA A 267 9.09 -10.05 -3.53
C ALA A 267 7.83 -9.74 -4.33
N LEU A 268 7.01 -8.82 -3.81
CA LEU A 268 5.79 -8.45 -4.49
C LEU A 268 6.12 -7.74 -5.80
N GLY A 269 7.24 -7.03 -5.81
CA GLY A 269 7.66 -6.32 -6.99
C GLY A 269 7.98 -7.32 -8.09
N LYS A 270 8.82 -8.30 -7.74
CA LYS A 270 9.20 -9.36 -8.67
C LYS A 270 7.95 -10.08 -9.18
N LEU A 271 7.10 -10.52 -8.26
CA LEU A 271 5.89 -11.24 -8.65
C LEU A 271 5.03 -10.41 -9.60
N ALA A 272 4.79 -9.16 -9.25
CA ALA A 272 3.97 -8.29 -10.07
C ALA A 272 4.59 -8.06 -11.45
N ALA A 273 5.88 -7.76 -11.46
CA ALA A 273 6.58 -7.51 -12.71
C ALA A 273 6.51 -8.77 -13.58
N GLN A 274 6.84 -9.91 -13.00
CA GLN A 274 6.81 -11.17 -13.71
C GLN A 274 5.41 -11.43 -14.27
N GLU A 275 4.40 -11.39 -13.40
CA GLU A 275 3.02 -11.63 -13.82
C GLU A 275 2.51 -10.66 -14.87
N MET A 276 2.80 -9.38 -14.68
CA MET A 276 2.34 -8.38 -15.62
C MET A 276 3.04 -8.43 -16.97
N LEU A 277 4.34 -8.71 -16.97
CA LEU A 277 5.07 -8.80 -18.23
C LEU A 277 4.48 -9.94 -19.06
N ALA A 278 4.28 -11.09 -18.42
CA ALA A 278 3.73 -12.26 -19.10
C ALA A 278 2.34 -11.99 -19.69
N ALA A 279 1.55 -11.16 -19.01
CA ALA A 279 0.22 -10.84 -19.49
C ALA A 279 0.25 -9.85 -20.65
N TYR A 280 1.19 -8.90 -20.61
CA TYR A 280 1.28 -7.92 -21.66
C TYR A 280 2.33 -8.24 -22.72
N ALA A 281 2.76 -9.50 -22.77
CA ALA A 281 3.76 -9.91 -23.75
C ALA A 281 3.88 -11.43 -23.83
ZN ZN B . 9.51 7.17 -14.30
#